data_7U08
#
_entry.id   7U08
#
_cell.length_a   142.325
_cell.length_b   142.325
_cell.length_c   57.722
_cell.angle_alpha   90.000
_cell.angle_beta   90.000
_cell.angle_gamma   120.000
#
_symmetry.space_group_name_H-M   'P 65 2 2'
#
loop_
_entity.id
_entity.type
_entity.pdbx_description
1 polymer 'Receptor-type tyrosine-protein phosphatase eta'
2 non-polymer 'PLATINUM (II) ION'
#
_entity_poly.entity_id   1
_entity_poly.type   'polypeptide(L)'
_entity_poly.pdbx_seq_one_letter_code
;GGTPSPIPDPSVATVATGENGITQISSTAESFHKQNGTGTPQVETNTSEDGESSGANDSLRTPEQGSNGTDGASQKTPSS
TGPSPVFDIKAVSISPTNVILTWKSNDTAASEYKYVVKHK(MSE)ENEKTITVVHQPWCNITGLRPATSYVFSITPGIGN
ETWGDPRVIKVITEPIPVSDLRVALTGVRKAALSWSNGNGTASCR(MSE)LLESIGSHEELTQDSRLQVNISGLKPGVQY
NINPYLLQSNKTKGDPLGTEGGLDASNTERSRAGSPTAPVHDESLVGPVDPSSGQQSRDTEVLLVGLEPGTRYNATVYSQ
AANGTEGQPQAIEFRTNAIQVFDVTA
;
_entity_poly.pdbx_strand_id   A
#
loop_
_chem_comp.id
_chem_comp.type
_chem_comp.name
_chem_comp.formula
PT non-polymer 'PLATINUM (II) ION' 'Pt 2'
#
# COMPACT_ATOMS: atom_id res chain seq x y z
N PRO A 83 16.07 -29.96 -5.20
CA PRO A 83 15.44 -30.03 -3.87
C PRO A 83 15.84 -28.86 -2.99
N SER A 84 16.57 -27.89 -3.54
CA SER A 84 17.11 -26.79 -2.73
C SER A 84 16.04 -25.72 -2.51
N PRO A 85 15.94 -25.19 -1.29
CA PRO A 85 14.89 -24.21 -0.99
C PRO A 85 15.01 -22.96 -1.84
N VAL A 86 13.90 -22.23 -1.93
CA VAL A 86 13.84 -20.99 -2.68
C VAL A 86 14.33 -19.88 -1.78
N PHE A 87 14.55 -18.69 -2.34
CA PHE A 87 15.33 -17.68 -1.64
C PHE A 87 15.33 -16.39 -2.47
N ASP A 88 15.66 -15.28 -1.81
CA ASP A 88 15.43 -13.94 -2.34
C ASP A 88 13.97 -13.79 -2.78
N ILE A 89 13.07 -14.17 -1.87
CA ILE A 89 11.64 -14.11 -2.16
C ILE A 89 11.14 -12.68 -2.03
N LYS A 90 10.27 -12.27 -2.95
CA LYS A 90 9.82 -10.89 -3.05
C LYS A 90 8.46 -10.89 -3.75
N ALA A 91 7.60 -9.98 -3.31
CA ALA A 91 6.20 -9.97 -3.74
C ALA A 91 5.88 -8.60 -4.33
N VAL A 92 5.81 -8.52 -5.65
CA VAL A 92 5.48 -7.29 -6.33
C VAL A 92 3.97 -7.07 -6.27
N SER A 93 3.55 -5.98 -5.63
CA SER A 93 2.14 -5.67 -5.45
C SER A 93 1.66 -4.79 -6.60
N ILE A 94 0.83 -5.36 -7.47
CA ILE A 94 0.23 -4.62 -8.58
C ILE A 94 -1.11 -4.01 -8.19
N SER A 95 -1.80 -4.59 -7.22
CA SER A 95 -3.15 -4.16 -6.85
C SER A 95 -3.39 -4.57 -5.41
N PRO A 96 -4.38 -3.95 -4.74
CA PRO A 96 -4.85 -4.49 -3.46
C PRO A 96 -5.60 -5.81 -3.58
N THR A 97 -5.71 -6.39 -4.78
CA THR A 97 -6.39 -7.66 -4.98
C THR A 97 -5.50 -8.76 -5.55
N ASN A 98 -4.43 -8.43 -6.27
CA ASN A 98 -3.48 -9.45 -6.72
C ASN A 98 -2.06 -8.97 -6.51
N VAL A 99 -1.15 -9.92 -6.31
CA VAL A 99 0.27 -9.65 -6.16
C VAL A 99 1.05 -10.69 -6.95
N ILE A 100 2.24 -10.31 -7.41
CA ILE A 100 3.13 -11.21 -8.12
C ILE A 100 4.25 -11.62 -7.18
N LEU A 101 4.31 -12.91 -6.87
CA LEU A 101 5.45 -13.47 -6.16
C LEU A 101 6.50 -13.93 -7.17
N THR A 102 7.71 -13.39 -7.03
CA THR A 102 8.85 -13.81 -7.84
C THR A 102 10.01 -14.15 -6.91
N TRP A 103 10.66 -15.26 -7.20
CA TRP A 103 11.71 -15.80 -6.34
C TRP A 103 12.82 -16.35 -7.23
N LYS A 104 13.75 -17.08 -6.61
CA LYS A 104 14.85 -17.76 -7.31
C LYS A 104 15.10 -19.07 -6.60
N SER A 105 15.82 -20.00 -7.27
CA SER A 105 16.17 -21.27 -6.65
C SER A 105 17.63 -21.66 -6.91
N ASN A 106 17.93 -22.10 -8.14
CA ASN A 106 19.28 -22.50 -8.52
C ASN A 106 19.87 -23.45 -7.46
N ASP A 107 20.91 -22.98 -6.77
CA ASP A 107 21.68 -23.80 -5.85
C ASP A 107 22.02 -25.13 -6.50
N THR A 108 22.86 -25.07 -7.54
CA THR A 108 23.30 -26.22 -8.31
C THR A 108 22.13 -26.77 -9.12
N ALA A 109 22.42 -27.68 -10.06
CA ALA A 109 21.44 -28.28 -10.98
C ALA A 109 20.94 -27.28 -12.01
N ALA A 110 21.78 -26.32 -12.37
CA ALA A 110 21.50 -25.33 -13.41
C ALA A 110 20.20 -24.59 -13.13
N SER A 111 19.22 -24.75 -14.04
CA SER A 111 17.94 -24.09 -13.88
C SER A 111 16.92 -24.86 -14.72
N GLU A 112 16.21 -25.79 -14.09
CA GLU A 112 15.18 -26.59 -14.75
C GLU A 112 14.35 -27.34 -13.71
N TYR A 113 13.52 -26.63 -12.94
CA TYR A 113 12.81 -27.30 -11.85
C TYR A 113 11.33 -26.97 -11.97
N LYS A 114 10.53 -27.47 -11.03
CA LYS A 114 9.11 -27.16 -10.94
C LYS A 114 8.76 -26.81 -9.50
N TYR A 115 7.81 -25.88 -9.32
CA TYR A 115 7.60 -25.34 -7.98
C TYR A 115 6.10 -25.30 -7.69
N VAL A 116 5.76 -25.42 -6.41
CA VAL A 116 4.37 -25.46 -5.95
C VAL A 116 4.14 -24.37 -4.92
N VAL A 117 3.03 -23.62 -5.07
CA VAL A 117 2.66 -22.51 -4.20
C VAL A 117 1.35 -22.87 -3.51
N LYS A 118 1.17 -22.39 -2.28
CA LYS A 118 0.02 -22.75 -1.47
C LYS A 118 -0.62 -21.53 -0.83
N HIS A 119 -1.93 -21.38 -1.02
CA HIS A 119 -2.69 -20.27 -0.44
C HIS A 119 -3.52 -20.81 0.73
N LYS A 120 -3.85 -19.94 1.70
CA LYS A 120 -4.54 -20.38 2.90
C LYS A 120 -5.72 -19.51 3.29
N MSE A 121 -6.01 -18.47 2.52
CA MSE A 121 -7.32 -17.81 2.45
C MSE A 121 -8.45 -18.76 2.82
O MSE A 121 -8.98 -19.49 1.99
CB MSE A 121 -7.47 -17.26 1.05
CG MSE A 121 -7.17 -18.32 0.03
SE MSE A 121 -7.00 -17.59 -1.74
CE MSE A 121 -8.88 -17.28 -2.20
N GLU A 122 -8.83 -18.70 4.10
CA GLU A 122 -9.40 -19.84 4.80
C GLU A 122 -10.73 -20.25 4.17
N ASN A 123 -11.14 -21.47 4.51
CA ASN A 123 -12.29 -22.20 3.98
C ASN A 123 -11.91 -22.97 2.72
N GLU A 124 -10.87 -22.52 2.01
CA GLU A 124 -10.39 -23.27 0.85
C GLU A 124 -8.87 -23.21 0.80
N LYS A 125 -8.28 -24.34 0.40
CA LYS A 125 -6.84 -24.49 0.27
C LYS A 125 -6.50 -24.59 -1.22
N THR A 126 -5.61 -23.73 -1.70
CA THR A 126 -5.29 -23.65 -3.11
C THR A 126 -3.82 -23.97 -3.34
N ILE A 127 -3.57 -24.77 -4.37
CA ILE A 127 -2.25 -25.36 -4.63
C ILE A 127 -1.91 -25.08 -6.08
N THR A 128 -1.12 -24.03 -6.33
CA THR A 128 -0.70 -23.65 -7.67
C THR A 128 0.71 -24.16 -7.95
N VAL A 129 0.92 -24.73 -9.13
CA VAL A 129 2.21 -25.25 -9.56
C VAL A 129 2.59 -24.57 -10.88
N VAL A 130 3.80 -24.03 -10.93
CA VAL A 130 4.29 -23.29 -12.09
C VAL A 130 5.69 -23.76 -12.45
N HIS A 131 5.93 -23.98 -13.75
CA HIS A 131 7.28 -24.30 -14.20
C HIS A 131 8.23 -23.13 -13.99
N GLN A 132 7.78 -21.93 -14.36
CA GLN A 132 8.57 -20.71 -14.18
C GLN A 132 8.74 -20.40 -12.69
N PRO A 133 9.82 -19.70 -12.32
CA PRO A 133 10.08 -19.32 -10.93
C PRO A 133 9.36 -18.03 -10.52
N TRP A 134 8.08 -17.94 -10.84
CA TRP A 134 7.25 -16.80 -10.47
C TRP A 134 5.79 -17.19 -10.66
N CYS A 135 4.91 -16.56 -9.88
CA CYS A 135 3.50 -16.90 -9.91
C CYS A 135 2.66 -15.64 -9.85
N ASN A 136 1.44 -15.74 -10.40
CA ASN A 136 0.44 -14.68 -10.32
C ASN A 136 -0.64 -15.13 -9.34
N ILE A 137 -0.65 -14.50 -8.17
CA ILE A 137 -1.66 -14.78 -7.14
C ILE A 137 -2.71 -13.67 -7.22
N THR A 138 -3.95 -14.05 -7.50
CA THR A 138 -5.02 -13.09 -7.75
C THR A 138 -6.23 -13.39 -6.88
N GLY A 139 -7.15 -12.43 -6.83
CA GLY A 139 -8.37 -12.61 -6.07
C GLY A 139 -8.22 -12.51 -4.56
N LEU A 140 -7.47 -11.53 -4.08
CA LEU A 140 -7.21 -11.38 -2.65
C LEU A 140 -7.99 -10.18 -2.11
N ARG A 141 -8.02 -10.07 -0.79
CA ARG A 141 -8.66 -9.01 -0.01
C ARG A 141 -7.65 -7.89 0.29
N PRO A 142 -8.09 -6.63 0.29
CA PRO A 142 -7.14 -5.52 0.39
C PRO A 142 -6.36 -5.45 1.70
N ALA A 143 -7.06 -5.21 2.81
CA ALA A 143 -6.39 -4.91 4.07
C ALA A 143 -5.92 -6.15 4.83
N THR A 144 -6.15 -7.35 4.33
CA THR A 144 -5.78 -8.57 5.03
C THR A 144 -4.46 -9.13 4.50
N SER A 145 -3.80 -9.92 5.35
CA SER A 145 -2.54 -10.57 5.02
C SER A 145 -2.74 -12.06 4.81
N TYR A 146 -2.16 -12.60 3.75
CA TYR A 146 -2.25 -14.03 3.52
C TYR A 146 -0.88 -14.66 3.73
N VAL A 147 -0.85 -15.99 3.76
CA VAL A 147 0.37 -16.76 3.97
C VAL A 147 0.57 -17.68 2.77
N PHE A 148 1.80 -17.72 2.26
CA PHE A 148 2.12 -18.50 1.06
C PHE A 148 3.36 -19.33 1.31
N SER A 149 3.37 -20.54 0.76
CA SER A 149 4.52 -21.44 0.86
C SER A 149 4.93 -21.87 -0.55
N ILE A 150 6.23 -21.80 -0.83
CA ILE A 150 6.79 -22.18 -2.12
C ILE A 150 7.68 -23.40 -1.92
N THR A 151 7.52 -24.41 -2.76
CA THR A 151 8.29 -25.64 -2.65
C THR A 151 8.78 -26.08 -4.03
N PRO A 152 10.10 -26.18 -4.22
CA PRO A 152 10.62 -26.60 -5.53
C PRO A 152 10.60 -28.12 -5.69
N GLY A 153 10.25 -28.57 -6.89
CA GLY A 153 10.33 -29.97 -7.24
C GLY A 153 11.01 -30.15 -8.58
N ILE A 154 11.43 -31.39 -8.83
CA ILE A 154 12.18 -31.73 -10.03
C ILE A 154 11.35 -32.62 -10.96
N GLY A 155 10.88 -33.76 -10.46
CA GLY A 155 10.08 -34.68 -11.25
C GLY A 155 8.70 -34.92 -10.68
N ASN A 156 8.54 -35.93 -9.81
CA ASN A 156 7.24 -36.23 -9.22
C ASN A 156 7.31 -36.19 -7.70
N GLU A 157 7.38 -37.36 -7.06
CA GLU A 157 7.70 -37.41 -5.63
C GLU A 157 8.99 -36.67 -5.33
N THR A 158 9.82 -36.47 -6.35
CA THR A 158 11.04 -35.70 -6.23
C THR A 158 10.70 -34.27 -5.82
N TRP A 159 10.16 -34.09 -4.62
CA TRP A 159 9.94 -32.75 -4.06
C TRP A 159 11.14 -32.31 -3.24
N GLY A 160 11.24 -30.99 -3.03
CA GLY A 160 12.25 -30.41 -2.20
C GLY A 160 11.72 -29.96 -0.86
N ASP A 161 11.99 -28.70 -0.49
CA ASP A 161 11.73 -28.15 0.83
C ASP A 161 10.71 -27.01 0.77
N PRO A 162 9.95 -26.81 1.84
CA PRO A 162 9.05 -25.65 1.89
C PRO A 162 9.69 -24.41 2.47
N ARG A 163 9.40 -23.28 1.83
CA ARG A 163 9.75 -21.96 2.32
C ARG A 163 8.48 -21.12 2.41
N VAL A 164 8.29 -20.44 3.54
CA VAL A 164 7.03 -19.77 3.84
C VAL A 164 7.23 -18.26 3.87
N ILE A 165 6.29 -17.53 3.28
CA ILE A 165 6.30 -16.08 3.27
C ILE A 165 4.96 -15.56 3.79
N LYS A 166 5.02 -14.44 4.52
CA LYS A 166 3.85 -13.71 4.98
C LYS A 166 3.71 -12.46 4.12
N VAL A 167 2.56 -12.31 3.47
CA VAL A 167 2.35 -11.23 2.51
C VAL A 167 1.13 -10.43 2.93
N ILE A 168 1.30 -9.11 3.04
CA ILE A 168 0.21 -8.19 3.34
C ILE A 168 -0.09 -7.37 2.09
N THR A 169 -1.37 -7.27 1.75
CA THR A 169 -1.80 -6.50 0.60
C THR A 169 -2.17 -5.09 1.03
N GLU A 170 -2.22 -4.19 0.04
CA GLU A 170 -2.48 -2.77 0.19
C GLU A 170 -3.94 -2.54 0.53
N PRO A 171 -4.22 -1.54 1.36
CA PRO A 171 -5.59 -1.07 1.50
C PRO A 171 -6.07 -0.46 0.19
N ILE A 172 -7.38 -0.38 0.04
CA ILE A 172 -7.89 0.32 -1.15
C ILE A 172 -7.55 1.80 -1.03
N PRO A 173 -6.99 2.43 -2.06
CA PRO A 173 -6.58 3.83 -1.93
C PRO A 173 -7.77 4.73 -1.63
N VAL A 174 -7.47 5.87 -0.99
CA VAL A 174 -8.53 6.78 -0.55
C VAL A 174 -9.33 7.25 -1.76
N SER A 175 -10.64 7.26 -1.62
CA SER A 175 -11.56 7.60 -2.70
C SER A 175 -12.22 8.94 -2.43
N ASP A 176 -12.89 9.46 -3.47
CA ASP A 176 -13.63 10.71 -3.41
C ASP A 176 -12.74 11.83 -2.89
N LEU A 177 -11.56 11.95 -3.50
CA LEU A 177 -10.58 12.91 -3.02
C LEU A 177 -10.99 14.30 -3.46
N ARG A 178 -11.26 15.19 -2.50
CA ARG A 178 -11.85 16.49 -2.81
C ARG A 178 -11.19 17.57 -1.99
N VAL A 179 -11.27 18.80 -2.50
CA VAL A 179 -10.77 19.98 -1.80
C VAL A 179 -11.80 21.09 -1.94
N ALA A 180 -11.89 21.91 -0.89
CA ALA A 180 -12.84 23.03 -0.86
C ALA A 180 -12.21 24.15 -0.03
N LEU A 181 -11.63 25.13 -0.71
CA LEU A 181 -11.04 26.29 -0.05
C LEU A 181 -12.11 27.32 0.34
N THR A 182 -11.98 27.84 1.55
CA THR A 182 -13.04 28.63 2.18
C THR A 182 -12.78 30.14 2.14
N GLY A 183 -11.54 30.58 2.34
CA GLY A 183 -11.27 32.00 2.34
C GLY A 183 -9.80 32.41 2.31
N VAL A 184 -9.10 32.04 1.24
CA VAL A 184 -7.81 32.61 0.86
C VAL A 184 -6.66 32.10 1.73
N ARG A 185 -6.83 32.07 3.04
CA ARG A 185 -5.79 31.52 3.91
C ARG A 185 -6.17 30.17 4.50
N LYS A 186 -7.21 29.53 3.99
CA LYS A 186 -7.72 28.29 4.56
C LYS A 186 -8.26 27.41 3.44
N ALA A 187 -7.97 26.11 3.51
CA ALA A 187 -8.38 25.16 2.48
C ALA A 187 -8.83 23.88 3.16
N ALA A 188 -10.06 23.46 2.88
CA ALA A 188 -10.61 22.22 3.39
C ALA A 188 -10.55 21.16 2.31
N LEU A 189 -10.11 19.96 2.67
CA LEU A 189 -10.03 18.84 1.74
C LEU A 189 -10.60 17.61 2.41
N SER A 190 -11.54 16.96 1.71
CA SER A 190 -12.29 15.83 2.23
C SER A 190 -12.13 14.63 1.31
N TRP A 191 -12.09 13.43 1.90
CA TRP A 191 -12.07 12.18 1.15
C TRP A 191 -12.86 11.12 1.93
N SER A 192 -13.17 10.02 1.24
CA SER A 192 -13.82 8.86 1.83
C SER A 192 -12.83 7.71 1.83
N ASN A 193 -12.55 7.17 3.02
CA ASN A 193 -11.45 6.23 3.21
C ASN A 193 -11.70 4.89 2.52
N GLY A 194 -12.65 4.12 3.03
CA GLY A 194 -12.90 2.76 2.58
C GLY A 194 -12.86 1.77 3.73
N ASN A 195 -13.28 0.54 3.41
CA ASN A 195 -13.34 -0.51 4.43
C ASN A 195 -11.98 -0.77 5.06
N GLY A 196 -11.02 -1.19 4.23
CA GLY A 196 -9.79 -1.76 4.78
C GLY A 196 -8.95 -0.77 5.56
N THR A 197 -9.07 0.52 5.25
CA THR A 197 -8.19 1.52 5.83
C THR A 197 -8.43 1.66 7.32
N ALA A 198 -7.34 1.81 8.08
CA ALA A 198 -7.39 2.13 9.50
C ALA A 198 -6.86 3.51 9.82
N SER A 199 -5.94 4.05 9.02
CA SER A 199 -5.41 5.39 9.20
C SER A 199 -4.91 5.89 7.86
N CYS A 200 -4.70 7.21 7.77
CA CYS A 200 -4.17 7.82 6.57
C CYS A 200 -2.92 8.62 6.90
N ARG A 201 -2.08 8.78 5.89
CA ARG A 201 -0.88 9.60 5.99
C ARG A 201 -0.97 10.67 4.91
N MSE A 202 -1.13 11.92 5.31
CA MSE A 202 -1.15 13.01 4.32
C MSE A 202 0.24 13.65 4.20
O MSE A 202 0.94 13.79 5.20
CB MSE A 202 -2.18 14.08 4.69
CG MSE A 202 -2.30 15.18 3.63
SE MSE A 202 -3.53 16.62 4.06
CE MSE A 202 -2.41 17.62 5.29
N LEU A 203 0.63 14.02 2.99
CA LEU A 203 1.88 14.75 2.77
C LEU A 203 1.54 16.04 2.03
N LEU A 204 1.81 17.18 2.68
CA LEU A 204 1.47 18.49 2.14
C LEU A 204 2.73 19.23 1.74
N GLU A 205 2.73 19.78 0.51
CA GLU A 205 3.88 20.47 -0.04
C GLU A 205 3.43 21.73 -0.76
N SER A 206 4.19 22.80 -0.59
CA SER A 206 4.01 23.98 -1.43
C SER A 206 4.79 23.79 -2.72
N ILE A 207 4.38 24.54 -3.74
CA ILE A 207 4.98 24.45 -5.07
C ILE A 207 5.34 25.86 -5.51
N GLY A 208 6.64 26.17 -5.51
CA GLY A 208 7.08 27.47 -5.97
C GLY A 208 7.34 28.46 -4.85
N SER A 209 8.61 28.63 -4.47
CA SER A 209 9.02 29.61 -3.47
C SER A 209 10.53 29.74 -3.44
N HIS A 210 11.04 30.98 -3.47
CA HIS A 210 12.47 31.24 -3.32
C HIS A 210 13.11 30.40 -2.21
N ARG A 218 8.29 28.05 1.57
CA ARG A 218 8.39 26.69 1.05
C ARG A 218 8.30 25.71 2.22
N LEU A 219 7.51 24.65 2.05
CA LEU A 219 7.36 23.65 3.09
C LEU A 219 7.19 22.28 2.46
N GLN A 220 7.20 21.26 3.31
CA GLN A 220 6.92 19.88 2.94
C GLN A 220 6.67 19.07 4.19
N VAL A 221 5.46 19.17 4.74
CA VAL A 221 5.14 18.55 6.02
C VAL A 221 4.52 17.19 5.79
N ASN A 222 4.65 16.32 6.78
CA ASN A 222 4.29 14.90 6.67
C ASN A 222 3.30 14.57 7.80
N ILE A 223 2.01 14.80 7.52
CA ILE A 223 0.96 14.66 8.54
C ILE A 223 0.66 13.18 8.76
N SER A 224 1.35 12.57 9.71
CA SER A 224 1.23 11.14 9.96
C SER A 224 0.12 10.85 10.95
N GLY A 225 -0.66 9.81 10.65
CA GLY A 225 -1.61 9.29 11.62
C GLY A 225 -2.99 9.92 11.60
N LEU A 226 -3.57 10.08 10.41
CA LEU A 226 -4.95 10.51 10.32
C LEU A 226 -5.88 9.37 10.78
N LYS A 227 -7.12 9.73 11.07
CA LYS A 227 -8.11 8.72 11.47
C LYS A 227 -9.38 8.87 10.65
N PRO A 228 -10.04 7.76 10.35
CA PRO A 228 -11.35 7.85 9.67
C PRO A 228 -12.44 8.34 10.60
N GLY A 229 -13.38 9.07 10.02
CA GLY A 229 -14.56 9.54 10.75
C GLY A 229 -14.34 10.72 11.67
N VAL A 230 -13.14 11.30 11.70
CA VAL A 230 -12.85 12.37 12.63
C VAL A 230 -12.52 13.62 11.79
N GLN A 231 -12.53 14.78 12.44
CA GLN A 231 -12.39 16.07 11.77
C GLN A 231 -11.15 16.77 12.30
N TYR A 232 -10.19 17.06 11.42
CA TYR A 232 -8.97 17.74 11.86
C TYR A 232 -8.87 19.11 11.22
N ASN A 233 -8.03 19.95 11.83
CA ASN A 233 -7.85 21.33 11.39
C ASN A 233 -6.52 21.83 11.94
N ILE A 234 -5.55 22.05 11.06
CA ILE A 234 -4.17 22.33 11.46
C ILE A 234 -3.57 23.36 10.51
N ASN A 235 -2.82 24.32 11.09
CA ASN A 235 -1.89 25.16 10.36
C ASN A 235 -0.62 24.36 10.08
N PRO A 236 -0.39 23.93 8.84
CA PRO A 236 0.78 23.08 8.58
C PRO A 236 2.11 23.82 8.69
N TYR A 237 2.12 25.11 8.35
CA TYR A 237 3.30 25.94 8.54
C TYR A 237 3.72 26.02 10.00
N LEU A 238 2.79 25.84 10.94
CA LEU A 238 3.19 25.72 12.34
C LEU A 238 3.97 24.44 12.58
N LEU A 239 3.59 23.35 11.91
CA LEU A 239 4.22 22.06 12.15
C LEU A 239 5.58 21.95 11.49
N GLN A 240 5.92 22.87 10.58
CA GLN A 240 7.22 22.84 9.92
C GLN A 240 8.34 23.02 10.94
N SER A 241 8.22 24.01 11.82
CA SER A 241 9.26 24.30 12.80
C SER A 241 9.11 23.37 13.99
N ASN A 242 10.01 22.40 14.09
CA ASN A 242 10.04 21.50 15.24
C ASN A 242 11.42 20.85 15.42
N SER A 289 -20.62 7.49 9.40
CA SER A 289 -19.84 7.45 8.16
C SER A 289 -18.34 7.32 8.46
N ARG A 290 -17.56 7.06 7.41
CA ARG A 290 -16.11 6.89 7.54
C ARG A 290 -15.39 7.76 6.49
N ASP A 291 -15.39 9.06 6.73
CA ASP A 291 -14.65 10.02 5.92
C ASP A 291 -13.59 10.69 6.78
N THR A 292 -12.76 11.52 6.15
CA THR A 292 -11.77 12.32 6.85
C THR A 292 -11.95 13.78 6.45
N GLU A 293 -12.00 14.65 7.45
CA GLU A 293 -12.23 16.08 7.26
C GLU A 293 -11.01 16.82 7.81
N VAL A 294 -10.27 17.47 6.93
CA VAL A 294 -9.04 18.17 7.28
C VAL A 294 -9.07 19.57 6.69
N LEU A 295 -9.06 20.59 7.54
CA LEU A 295 -8.93 21.97 7.11
C LEU A 295 -7.50 22.44 7.34
N LEU A 296 -6.93 23.08 6.33
CA LEU A 296 -5.55 23.59 6.40
C LEU A 296 -5.61 25.11 6.38
N VAL A 297 -5.32 25.72 7.53
CA VAL A 297 -5.44 27.17 7.67
C VAL A 297 -4.05 27.81 7.69
N GLY A 298 -4.00 29.13 7.80
CA GLY A 298 -2.73 29.83 7.83
C GLY A 298 -1.96 29.74 6.54
N LEU A 299 -2.63 29.39 5.45
CA LEU A 299 -1.95 29.25 4.17
C LEU A 299 -1.66 30.63 3.58
N GLU A 300 -0.63 30.68 2.77
CA GLU A 300 -0.15 31.96 2.29
C GLU A 300 -0.58 32.13 0.83
N PRO A 301 -1.22 33.25 0.50
CA PRO A 301 -1.84 33.39 -0.82
C PRO A 301 -0.82 33.42 -1.95
N GLY A 302 -1.28 33.08 -3.16
CA GLY A 302 -0.42 33.09 -4.32
C GLY A 302 0.48 31.88 -4.48
N THR A 303 0.50 30.98 -3.51
CA THR A 303 1.33 29.78 -3.54
C THR A 303 0.47 28.56 -3.79
N ARG A 304 0.99 27.63 -4.61
CA ARG A 304 0.24 26.46 -5.04
C ARG A 304 0.65 25.25 -4.21
N TYR A 305 -0.34 24.51 -3.71
CA TYR A 305 -0.11 23.42 -2.78
C TYR A 305 -0.51 22.08 -3.39
N ASN A 306 0.21 21.03 -3.00
CA ASN A 306 -0.23 19.66 -3.24
C ASN A 306 -0.50 18.96 -1.92
N ALA A 307 -1.63 18.27 -1.86
CA ALA A 307 -1.89 17.31 -0.79
C ALA A 307 -1.82 15.91 -1.40
N THR A 308 -0.98 15.06 -0.81
CA THR A 308 -0.78 13.69 -1.27
C THR A 308 -1.13 12.77 -0.10
N VAL A 309 -2.24 12.06 -0.22
CA VAL A 309 -2.83 11.29 0.87
C VAL A 309 -2.62 9.81 0.59
N TYR A 310 -2.09 9.07 1.56
CA TYR A 310 -1.92 7.64 1.42
C TYR A 310 -2.83 6.95 2.44
N SER A 311 -3.35 5.78 2.08
CA SER A 311 -4.18 5.01 3.00
C SER A 311 -3.34 3.95 3.70
N GLN A 312 -3.37 3.95 5.03
CA GLN A 312 -2.63 3.00 5.85
C GLN A 312 -3.59 2.01 6.51
N ALA A 313 -3.08 0.81 6.77
CA ALA A 313 -3.83 -0.24 7.46
C ALA A 313 -3.18 -0.55 8.80
N ALA A 314 -3.94 -1.26 9.65
CA ALA A 314 -3.46 -1.68 10.96
C ALA A 314 -2.18 -2.49 10.87
N ASN A 315 -2.03 -3.28 9.81
CA ASN A 315 -0.81 -4.06 9.57
C ASN A 315 0.36 -3.19 9.17
N GLY A 316 0.25 -1.87 9.21
CA GLY A 316 1.37 -1.00 8.88
C GLY A 316 1.82 -1.12 7.44
N THR A 317 0.89 -0.91 6.51
CA THR A 317 1.20 -1.03 5.08
C THR A 317 0.36 0.01 4.34
N GLU A 318 1.03 0.85 3.55
CA GLU A 318 0.39 1.93 2.82
C GLU A 318 -0.16 1.43 1.49
N GLY A 319 -1.34 1.92 1.13
CA GLY A 319 -1.87 1.72 -0.21
C GLY A 319 -1.32 2.75 -1.18
N GLN A 320 -1.95 2.81 -2.36
CA GLN A 320 -1.42 3.73 -3.36
C GLN A 320 -1.90 5.15 -3.08
N PRO A 321 -1.10 6.16 -3.38
CA PRO A 321 -1.46 7.54 -3.03
C PRO A 321 -2.52 8.14 -3.94
N GLN A 322 -3.16 9.19 -3.42
CA GLN A 322 -4.12 10.01 -4.15
C GLN A 322 -3.76 11.46 -3.88
N ALA A 323 -3.54 12.22 -4.95
CA ALA A 323 -3.09 13.60 -4.85
C ALA A 323 -4.19 14.55 -5.31
N ILE A 324 -4.11 15.78 -4.81
CA ILE A 324 -4.99 16.86 -5.22
C ILE A 324 -4.23 18.17 -5.08
N GLU A 325 -4.49 19.11 -5.98
CA GLU A 325 -3.83 20.40 -5.94
C GLU A 325 -4.85 21.52 -5.77
N PHE A 326 -4.41 22.57 -5.08
CA PHE A 326 -5.21 23.75 -4.81
C PHE A 326 -4.25 24.89 -4.53
N ARG A 327 -4.66 26.10 -4.88
CA ARG A 327 -3.78 27.25 -4.77
C ARG A 327 -4.60 28.47 -4.34
N THR A 328 -4.04 29.22 -3.40
CA THR A 328 -4.81 30.22 -2.68
C THR A 328 -4.56 31.64 -3.18
PT PT B . -6.67 -17.86 -3.94
#